data_3K1O
#
_entry.id   3K1O
#
_cell.length_a   63.121
_cell.length_b   63.121
_cell.length_c   229.302
_cell.angle_alpha   90.00
_cell.angle_beta   90.00
_cell.angle_gamma   120.00
#
_symmetry.space_group_name_H-M   'P 31 2 1'
#
loop_
_entity.id
_entity.type
_entity.pdbx_description
1 polymer 'Sterol 14 alpha-demethylase'
2 non-polymer 'PROTOPORPHYRIN IX CONTAINING FE'
3 non-polymer 2,5-anhydro-1,3,4-trideoxy-2-(2,4-difluorophenyl)-6-O-{4-[4-(4-{1-[(1S,2S)-1-ethyl-2-hydroxypropyl]-5-oxo-1,5-dihydro-4H-1,2,4-triazol-4-yl}phenyl)piperazin-1-yl]phenyl}-1-(1H-1,2,4-triazol-1-yl)-D-erythro-hexitol
4 water water
#
_entity_poly.entity_id   1
_entity_poly.type   'polypeptide(L)'
_entity_poly.pdbx_seq_one_letter_code
;KTPPVYPVTVPFLGHIVQFGKNPLEFMQRCKRDLKSGVFTISIGGQRVTIVGDPHEHSRFFSPRNEILSPREVYTIMTPV
FGEGVAYAAPYPRMREQLNFLAEELTIAKFQNFVPAIQHEVRKFMAENWKEDEGVINLLEDCGAMIINTACQCLFGEDLR
KRLNARHFAQLLSKMESSLIPAAVFMPWLLRLPLPQSARCREARAELQKILGEIIVAREKEEASKDNNTSDLLGGLLKAV
YRDGTRMSLHEVCGMIVAAMFAGQHTSTITTSWSMLHLMHPKNKKWLDKLHKEIDEFPAQLNYDNVMDEMPFAERCVRES
IRRDPPLLMVMRMVKAEVKVGSYVVPKGDIIACSPLLSHHDEEAFPNPRLWDPERDEKVDGAFIGFGAGVHKCIGQKFAL
LQVKTILATAFREYDFQLLRDEVPDPDYHTMVVGPTLNQCLVKYTRKKKLPSHHHHHH
;
_entity_poly.pdbx_strand_id   A
#
loop_
_chem_comp.id
_chem_comp.type
_chem_comp.name
_chem_comp.formula
HEM non-polymer 'PROTOPORPHYRIN IX CONTAINING FE' 'C34 H32 Fe N4 O4'
POZ non-polymer 2,5-anhydro-1,3,4-trideoxy-2-(2,4-difluorophenyl)-6-O-{4-[4-(4-{1-[(1S,2S)-1-ethyl-2-hydroxypropyl]-5-oxo-1,5-dihydro-4H-1,2,4-triazol-4-yl}phenyl)piperazin-1-yl]phenyl}-1-(1H-1,2,4-triazol-1-yl)-D-erythro-hexitol 'C37 H42 F2 N8 O4'
#
# COMPACT_ATOMS: atom_id res chain seq x y z
N LYS A 1 -14.20 -25.15 -21.38
CA LYS A 1 -14.77 -23.79 -21.17
C LYS A 1 -13.98 -23.02 -20.11
N THR A 2 -12.75 -23.46 -19.86
CA THR A 2 -11.85 -22.77 -18.96
C THR A 2 -10.91 -21.90 -19.78
N PRO A 3 -10.41 -20.81 -19.17
CA PRO A 3 -9.56 -19.83 -19.87
C PRO A 3 -8.30 -20.46 -20.43
N PRO A 4 -7.80 -19.92 -21.54
CA PRO A 4 -6.63 -20.44 -22.26
C PRO A 4 -5.35 -20.39 -21.43
N VAL A 5 -4.68 -21.53 -21.32
CA VAL A 5 -3.41 -21.61 -20.61
C VAL A 5 -2.29 -21.05 -21.48
N TYR A 6 -1.20 -20.62 -20.84
CA TYR A 6 -0.04 -20.13 -21.58
C TYR A 6 1.04 -21.20 -21.62
N PRO A 7 1.62 -21.43 -22.81
CA PRO A 7 2.64 -22.46 -23.02
C PRO A 7 3.65 -22.50 -21.89
N VAL A 8 4.00 -23.70 -21.44
CA VAL A 8 4.91 -23.88 -20.32
C VAL A 8 6.38 -24.09 -20.66
N THR A 9 6.64 -25.11 -21.45
CA THR A 9 7.97 -25.38 -21.90
C THR A 9 8.94 -25.73 -20.80
N VAL A 10 8.51 -25.61 -19.55
CA VAL A 10 9.40 -25.93 -18.45
C VAL A 10 8.64 -26.32 -17.23
N PRO A 11 8.22 -27.56 -17.17
CA PRO A 11 7.36 -27.99 -16.09
C PRO A 11 8.02 -27.80 -14.75
N PHE A 12 9.33 -27.94 -14.67
CA PHE A 12 9.96 -27.79 -13.37
C PHE A 12 9.65 -26.39 -12.87
N LEU A 13 9.76 -25.41 -13.73
CA LEU A 13 9.44 -24.05 -13.32
C LEU A 13 8.42 -23.46 -14.24
N GLY A 14 7.33 -22.94 -13.68
CA GLY A 14 6.30 -22.34 -14.52
C GLY A 14 6.82 -21.08 -15.18
N HIS A 15 5.95 -20.09 -15.33
CA HIS A 15 6.32 -18.80 -15.90
C HIS A 15 7.00 -17.92 -14.87
N ILE A 16 7.43 -18.53 -13.77
CA ILE A 16 7.99 -17.82 -12.63
C ILE A 16 9.08 -16.79 -12.95
N VAL A 17 10.09 -17.20 -13.72
CA VAL A 17 11.21 -16.31 -14.04
C VAL A 17 10.79 -15.15 -14.95
N GLN A 18 10.09 -15.47 -16.02
CA GLN A 18 9.59 -14.45 -16.95
C GLN A 18 8.75 -13.39 -16.21
N PHE A 19 7.89 -13.85 -15.32
CA PHE A 19 7.03 -12.95 -14.56
C PHE A 19 7.81 -12.09 -13.56
N GLY A 20 8.86 -12.66 -12.99
CA GLY A 20 9.65 -11.97 -11.97
C GLY A 20 10.49 -10.82 -12.49
N LYS A 21 11.11 -11.01 -13.65
CA LYS A 21 11.95 -9.99 -14.27
C LYS A 21 11.11 -8.80 -14.72
N ASN A 22 10.12 -9.08 -15.56
CA ASN A 22 9.11 -8.10 -15.93
C ASN A 22 7.76 -8.78 -16.06
N PRO A 23 6.87 -8.53 -15.09
CA PRO A 23 5.54 -9.09 -15.11
C PRO A 23 4.55 -8.27 -15.96
N LEU A 24 4.84 -7.00 -16.19
CA LEU A 24 3.99 -6.18 -17.04
C LEU A 24 4.12 -6.62 -18.50
N GLU A 25 5.35 -6.59 -19.00
CA GLU A 25 5.63 -7.02 -20.37
C GLU A 25 5.19 -8.45 -20.60
N PHE A 26 5.35 -9.28 -19.57
CA PHE A 26 5.00 -10.69 -19.66
C PHE A 26 3.49 -10.89 -19.72
N MET A 27 2.77 -10.24 -18.82
CA MET A 27 1.32 -10.37 -18.75
C MET A 27 0.64 -9.84 -19.99
N GLN A 28 1.06 -8.66 -20.42
CA GLN A 28 0.54 -8.07 -21.64
C GLN A 28 0.73 -9.00 -22.82
N ARG A 29 1.87 -9.70 -22.85
CA ARG A 29 2.17 -10.66 -23.90
C ARG A 29 1.12 -11.75 -23.93
N CYS A 30 0.91 -12.40 -22.77
CA CYS A 30 -0.11 -13.44 -22.65
C CYS A 30 -1.45 -12.94 -23.15
N LYS A 31 -1.93 -11.85 -22.56
CA LYS A 31 -3.21 -11.26 -22.92
C LYS A 31 -3.24 -10.92 -24.40
N ARG A 32 -2.06 -10.69 -24.98
CA ARG A 32 -1.96 -10.32 -26.38
C ARG A 32 -1.94 -11.55 -27.30
N ASP A 33 -1.14 -12.54 -26.92
CA ASP A 33 -0.97 -13.72 -27.74
C ASP A 33 -2.21 -14.62 -27.77
N LEU A 34 -2.95 -14.66 -26.67
CA LEU A 34 -4.13 -15.53 -26.59
C LEU A 34 -5.43 -14.82 -26.96
N LYS A 35 -5.33 -13.54 -27.31
CA LYS A 35 -6.50 -12.76 -27.70
C LYS A 35 -7.58 -12.84 -26.63
N SER A 36 -7.17 -12.83 -25.37
CA SER A 36 -8.11 -12.94 -24.26
C SER A 36 -7.60 -12.24 -23.00
N GLY A 37 -8.44 -11.36 -22.46
CA GLY A 37 -8.09 -10.64 -21.24
C GLY A 37 -8.05 -11.57 -20.04
N VAL A 38 -8.67 -12.73 -20.18
CA VAL A 38 -8.71 -13.72 -19.11
C VAL A 38 -7.89 -14.94 -19.52
N PHE A 39 -6.86 -15.24 -18.73
CA PHE A 39 -5.95 -16.34 -19.06
C PHE A 39 -5.31 -16.95 -17.83
N THR A 40 -4.80 -18.18 -17.99
CA THR A 40 -4.22 -18.91 -16.88
C THR A 40 -2.73 -19.15 -17.11
N ILE A 41 -1.93 -18.96 -16.07
CA ILE A 41 -0.50 -19.25 -16.12
C ILE A 41 -0.18 -20.36 -15.13
N SER A 42 1.04 -20.88 -15.21
CA SER A 42 1.48 -21.92 -14.27
C SER A 42 2.70 -21.46 -13.49
N ILE A 43 2.51 -21.20 -12.20
CA ILE A 43 3.62 -20.88 -11.32
C ILE A 43 3.95 -22.11 -10.49
N GLY A 44 5.13 -22.70 -10.75
CA GLY A 44 5.52 -23.93 -10.09
C GLY A 44 4.42 -24.97 -10.12
N GLY A 45 3.88 -25.21 -11.31
CA GLY A 45 2.84 -26.22 -11.49
C GLY A 45 1.54 -25.94 -10.76
N GLN A 46 1.25 -24.65 -10.55
CA GLN A 46 0.01 -24.26 -9.89
C GLN A 46 -0.72 -23.24 -10.75
N ARG A 47 -1.89 -23.61 -11.25
CA ARG A 47 -2.65 -22.75 -12.16
C ARG A 47 -3.08 -21.46 -11.46
N VAL A 48 -2.50 -20.34 -11.90
CA VAL A 48 -2.91 -19.03 -11.41
C VAL A 48 -3.71 -18.37 -12.53
N THR A 49 -4.99 -18.13 -12.28
CA THR A 49 -5.87 -17.57 -13.29
C THR A 49 -6.01 -16.07 -13.11
N ILE A 50 -5.73 -15.32 -14.16
CA ILE A 50 -5.69 -13.86 -14.09
C ILE A 50 -6.85 -13.19 -14.82
N VAL A 51 -7.71 -12.51 -14.08
CA VAL A 51 -8.75 -11.71 -14.70
C VAL A 51 -8.12 -10.41 -15.17
N GLY A 52 -7.70 -10.38 -16.44
CA GLY A 52 -6.97 -9.23 -16.96
C GLY A 52 -7.81 -8.31 -17.81
N ASP A 53 -9.12 -8.58 -17.86
CA ASP A 53 -10.07 -7.76 -18.61
C ASP A 53 -10.92 -6.95 -17.64
N PRO A 54 -10.66 -5.63 -17.57
CA PRO A 54 -11.30 -4.73 -16.61
C PRO A 54 -12.82 -4.85 -16.58
N HIS A 55 -13.45 -5.11 -17.74
CA HIS A 55 -14.90 -5.28 -17.77
C HIS A 55 -15.33 -6.35 -16.78
N GLU A 56 -14.42 -7.27 -16.48
CA GLU A 56 -14.73 -8.47 -15.69
C GLU A 56 -14.21 -8.40 -14.26
N HIS A 57 -13.88 -7.20 -13.79
CA HIS A 57 -13.38 -7.04 -12.43
C HIS A 57 -14.42 -7.50 -11.40
N SER A 58 -15.67 -7.12 -11.63
CA SER A 58 -16.75 -7.41 -10.67
C SER A 58 -16.87 -8.90 -10.38
N ARG A 59 -16.45 -9.72 -11.35
CA ARG A 59 -16.50 -11.16 -11.20
C ARG A 59 -15.46 -11.63 -10.21
N PHE A 60 -14.52 -10.73 -9.88
CA PHE A 60 -13.43 -11.06 -8.98
C PHE A 60 -13.62 -10.41 -7.62
N PHE A 61 -14.02 -9.14 -7.60
CA PHE A 61 -14.17 -8.40 -6.34
C PHE A 61 -15.55 -8.56 -5.69
N SER A 62 -16.52 -9.08 -6.43
CA SER A 62 -17.87 -9.22 -5.92
C SER A 62 -18.11 -10.51 -5.11
N PRO A 63 -17.60 -11.64 -5.61
CA PRO A 63 -17.86 -12.92 -4.94
C PRO A 63 -17.45 -12.86 -3.47
N ARG A 64 -18.29 -13.44 -2.62
CA ARG A 64 -18.04 -13.49 -1.19
C ARG A 64 -17.04 -14.54 -0.81
N ASN A 65 -16.54 -14.48 0.40
CA ASN A 65 -15.42 -15.29 0.79
C ASN A 65 -15.70 -16.75 0.59
N GLU A 66 -16.91 -17.15 0.89
CA GLU A 66 -17.27 -18.55 0.74
C GLU A 66 -16.88 -19.12 -0.63
N ILE A 67 -17.01 -18.29 -1.66
CA ILE A 67 -16.66 -18.71 -3.02
C ILE A 67 -15.21 -18.35 -3.32
N LEU A 68 -14.87 -17.08 -3.15
CA LEU A 68 -13.52 -16.61 -3.38
C LEU A 68 -12.88 -16.25 -2.06
N SER A 69 -11.78 -16.90 -1.75
CA SER A 69 -11.12 -16.68 -0.47
C SER A 69 -9.69 -16.24 -0.58
N PRO A 70 -9.34 -15.25 0.23
CA PRO A 70 -7.97 -14.77 0.31
C PRO A 70 -7.15 -15.51 1.34
N ARG A 71 -7.82 -16.08 2.35
CA ARG A 71 -7.13 -16.65 3.50
C ARG A 71 -5.98 -17.58 3.12
N GLU A 72 -6.26 -18.60 2.32
CA GLU A 72 -5.24 -19.57 1.94
C GLU A 72 -4.12 -18.94 1.12
N VAL A 73 -4.46 -17.94 0.32
CA VAL A 73 -3.48 -17.28 -0.53
C VAL A 73 -2.59 -16.30 0.23
N TYR A 74 -3.11 -15.72 1.30
CA TYR A 74 -2.38 -14.71 2.05
C TYR A 74 -1.75 -15.26 3.34
N THR A 75 -1.62 -16.58 3.40
CA THR A 75 -1.06 -17.24 4.57
C THR A 75 0.26 -16.63 5.03
N ILE A 76 1.07 -16.21 4.06
CA ILE A 76 2.43 -15.77 4.32
C ILE A 76 2.47 -14.61 5.31
N MET A 77 1.42 -13.80 5.33
CA MET A 77 1.36 -12.68 6.26
C MET A 77 1.23 -13.14 7.71
N THR A 78 0.55 -14.26 7.92
CA THR A 78 0.24 -14.73 9.27
C THR A 78 1.41 -14.58 10.24
N PRO A 79 2.62 -14.97 9.80
CA PRO A 79 3.81 -14.84 10.66
C PRO A 79 4.05 -13.40 11.09
N VAL A 80 3.77 -12.45 10.19
CA VAL A 80 3.97 -11.03 10.49
C VAL A 80 2.85 -10.46 11.36
N PHE A 81 1.61 -10.65 10.93
CA PHE A 81 0.46 -10.09 11.64
C PHE A 81 0.15 -10.84 12.94
N GLY A 82 0.29 -12.16 12.91
CA GLY A 82 -0.06 -12.98 14.07
C GLY A 82 -0.80 -14.25 13.72
N GLU A 83 -0.67 -15.26 14.56
CA GLU A 83 -1.25 -16.57 14.29
C GLU A 83 -2.78 -16.57 14.30
N GLY A 84 -3.38 -15.45 14.71
CA GLY A 84 -4.84 -15.36 14.79
C GLY A 84 -5.42 -14.05 14.30
N VAL A 85 -4.72 -13.39 13.38
CA VAL A 85 -5.17 -12.11 12.86
C VAL A 85 -5.67 -12.23 11.42
N ALA A 86 -6.11 -11.11 10.86
CA ALA A 86 -6.81 -11.17 9.60
C ALA A 86 -6.02 -12.00 8.61
N TYR A 87 -6.74 -12.94 8.01
CA TYR A 87 -6.24 -13.90 7.04
C TYR A 87 -5.71 -15.06 7.81
N ALA A 88 -5.73 -14.95 9.12
CA ALA A 88 -5.29 -16.03 9.98
C ALA A 88 -6.47 -16.30 10.90
N ALA A 89 -7.55 -15.56 10.69
CA ALA A 89 -8.74 -15.63 11.53
C ALA A 89 -9.99 -15.94 10.71
N PRO A 90 -10.95 -16.59 11.33
CA PRO A 90 -12.15 -16.92 10.61
C PRO A 90 -12.66 -15.59 10.17
N TYR A 91 -13.25 -15.58 8.98
CA TYR A 91 -13.51 -14.34 8.28
C TYR A 91 -14.35 -13.46 9.16
N PRO A 92 -15.24 -14.08 9.92
CA PRO A 92 -16.11 -13.28 10.76
C PRO A 92 -15.29 -12.50 11.75
N ARG A 93 -14.32 -13.13 12.40
CA ARG A 93 -13.41 -12.36 13.24
C ARG A 93 -12.58 -11.40 12.39
N MET A 94 -11.97 -11.94 11.33
CA MET A 94 -11.19 -11.13 10.42
C MET A 94 -11.92 -9.85 10.08
N ARG A 95 -13.05 -9.98 9.39
CA ARG A 95 -13.87 -8.83 9.05
C ARG A 95 -14.08 -7.96 10.28
N GLU A 96 -14.48 -8.61 11.37
CA GLU A 96 -14.72 -7.90 12.62
C GLU A 96 -13.52 -7.05 12.99
N GLN A 97 -12.33 -7.65 13.01
CA GLN A 97 -11.10 -6.95 13.37
C GLN A 97 -10.85 -5.76 12.44
N LEU A 98 -10.83 -6.04 11.15
CA LEU A 98 -10.59 -5.02 10.14
C LEU A 98 -11.53 -3.83 10.30
N ASN A 99 -12.74 -4.07 10.77
CA ASN A 99 -13.69 -2.98 11.02
C ASN A 99 -13.26 -2.05 12.15
N PHE A 100 -12.85 -2.62 13.29
CA PHE A 100 -12.30 -1.81 14.38
C PHE A 100 -11.28 -0.85 13.80
N LEU A 101 -10.33 -1.40 13.05
CA LEU A 101 -9.31 -0.61 12.39
C LEU A 101 -9.96 0.54 11.63
N ALA A 102 -10.88 0.20 10.73
CA ALA A 102 -11.55 1.19 9.92
C ALA A 102 -12.17 2.29 10.77
N GLU A 103 -12.69 1.92 11.94
CA GLU A 103 -13.30 2.89 12.83
C GLU A 103 -12.24 3.81 13.42
N GLU A 104 -10.97 3.47 13.18
CA GLU A 104 -9.87 4.31 13.62
C GLU A 104 -9.57 5.38 12.59
N LEU A 105 -10.22 5.26 11.44
CA LEU A 105 -10.09 6.24 10.37
C LEU A 105 -11.42 6.94 10.15
N THR A 106 -12.14 7.14 11.25
CA THR A 106 -13.47 7.75 11.21
C THR A 106 -13.46 9.06 10.46
N ILE A 107 -12.28 9.63 10.28
CA ILE A 107 -12.21 10.96 9.71
C ILE A 107 -12.92 11.85 10.71
N ALA A 108 -13.31 11.28 11.84
CA ALA A 108 -13.61 12.08 13.00
C ALA A 108 -12.22 12.38 13.53
N LYS A 109 -11.27 11.56 13.05
CA LYS A 109 -9.90 11.55 13.54
C LYS A 109 -8.96 12.44 12.74
N PHE A 110 -9.17 12.51 11.43
CA PHE A 110 -8.29 13.29 10.58
C PHE A 110 -8.14 14.72 11.04
N GLN A 111 -9.07 15.16 11.88
CA GLN A 111 -9.07 16.55 12.36
C GLN A 111 -7.70 17.01 12.81
N ASN A 112 -6.91 16.09 13.38
CA ASN A 112 -5.59 16.43 13.90
C ASN A 112 -4.40 15.89 13.11
N PHE A 113 -4.68 15.21 12.00
CA PHE A 113 -3.60 14.59 11.22
C PHE A 113 -2.78 15.60 10.41
N VAL A 114 -3.44 16.51 9.73
CA VAL A 114 -2.74 17.49 8.89
C VAL A 114 -1.62 18.22 9.66
N PRO A 115 -1.98 18.87 10.78
CA PRO A 115 -0.99 19.56 11.60
C PRO A 115 0.13 18.65 12.08
N ALA A 116 -0.20 17.40 12.38
CA ALA A 116 0.79 16.43 12.82
C ALA A 116 1.68 16.05 11.65
N ILE A 117 1.04 15.71 10.53
CA ILE A 117 1.76 15.33 9.32
C ILE A 117 2.77 16.40 8.93
N GLN A 118 2.34 17.66 8.94
CA GLN A 118 3.21 18.78 8.58
C GLN A 118 4.28 18.99 9.62
N HIS A 119 3.96 18.65 10.86
CA HIS A 119 4.91 18.81 11.95
C HIS A 119 6.11 17.88 11.77
N GLU A 120 5.85 16.67 11.27
CA GLU A 120 6.92 15.70 11.08
C GLU A 120 7.67 15.94 9.78
N VAL A 121 6.95 16.37 8.75
CA VAL A 121 7.54 16.63 7.44
C VAL A 121 8.49 17.82 7.51
N ARG A 122 8.03 18.90 8.14
CA ARG A 122 8.85 20.10 8.29
C ARG A 122 10.07 19.82 9.14
N LYS A 123 9.90 18.98 10.15
CA LYS A 123 10.99 18.64 11.06
C LYS A 123 12.07 17.83 10.34
N PHE A 124 11.63 16.79 9.63
CA PHE A 124 12.56 15.97 8.85
C PHE A 124 13.35 16.84 7.88
N MET A 125 12.64 17.67 7.12
CA MET A 125 13.27 18.51 6.11
C MET A 125 14.29 19.45 6.74
N ALA A 126 13.88 20.16 7.79
CA ALA A 126 14.77 21.09 8.48
C ALA A 126 15.88 20.35 9.23
N GLU A 127 15.87 19.03 9.15
CA GLU A 127 16.87 18.21 9.82
C GLU A 127 17.79 17.55 8.79
N ASN A 128 17.25 17.21 7.62
CA ASN A 128 18.02 16.53 6.59
C ASN A 128 18.31 17.37 5.36
N TRP A 129 17.43 18.33 5.05
CA TRP A 129 17.62 19.20 3.90
C TRP A 129 18.04 20.63 4.21
N LYS A 130 18.86 20.78 5.24
CA LYS A 130 19.27 22.09 5.72
C LYS A 130 19.83 23.05 4.68
N GLU A 131 20.87 22.62 3.98
CA GLU A 131 21.59 23.47 3.02
C GLU A 131 20.68 24.09 1.97
N ASP A 132 21.14 25.17 1.34
CA ASP A 132 20.39 25.83 0.28
C ASP A 132 20.19 24.90 -0.91
N GLU A 133 21.09 23.93 -1.05
CA GLU A 133 21.02 22.93 -2.10
C GLU A 133 21.60 21.62 -1.59
N GLY A 134 21.34 20.53 -2.29
CA GLY A 134 21.85 19.22 -1.87
C GLY A 134 21.25 18.04 -2.60
N VAL A 135 21.84 16.86 -2.38
CA VAL A 135 21.42 15.64 -3.05
C VAL A 135 20.94 14.63 -2.02
N ILE A 136 19.74 14.10 -2.24
CA ILE A 136 19.18 13.09 -1.35
C ILE A 136 18.58 11.94 -2.16
N ASN A 137 18.33 10.81 -1.51
CA ASN A 137 17.61 9.71 -2.15
C ASN A 137 16.12 9.77 -1.82
N LEU A 138 15.33 10.27 -2.77
CA LEU A 138 13.91 10.51 -2.54
C LEU A 138 13.18 9.34 -1.86
N LEU A 139 13.42 8.13 -2.35
CA LEU A 139 12.71 6.95 -1.86
C LEU A 139 12.97 6.67 -0.38
N GLU A 140 14.23 6.82 0.04
CA GLU A 140 14.57 6.59 1.44
C GLU A 140 14.04 7.69 2.36
N ASP A 141 13.94 8.90 1.84
CA ASP A 141 13.47 10.04 2.62
C ASP A 141 11.94 10.05 2.76
N CYS A 142 11.25 9.66 1.69
CA CYS A 142 9.81 9.55 1.76
C CYS A 142 9.43 8.43 2.73
N GLY A 143 10.21 7.36 2.71
CA GLY A 143 10.00 6.25 3.63
C GLY A 143 10.10 6.72 5.06
N ALA A 144 11.05 7.62 5.31
CA ALA A 144 11.24 8.16 6.65
C ALA A 144 10.06 9.04 7.00
N MET A 145 9.64 9.88 6.06
CA MET A 145 8.53 10.79 6.31
C MET A 145 7.26 9.99 6.58
N ILE A 146 7.01 9.00 5.73
CA ILE A 146 5.84 8.16 5.89
C ILE A 146 5.73 7.60 7.31
N ILE A 147 6.69 6.78 7.69
CA ILE A 147 6.67 6.17 9.01
C ILE A 147 6.60 7.23 10.11
N ASN A 148 7.52 8.18 10.08
CA ASN A 148 7.53 9.27 11.06
C ASN A 148 6.18 9.97 11.15
N THR A 149 5.63 10.30 10.00
CA THR A 149 4.38 11.01 9.91
C THR A 149 3.21 10.15 10.40
N ALA A 150 3.22 8.87 10.02
CA ALA A 150 2.16 7.94 10.40
C ALA A 150 2.10 7.74 11.91
N CYS A 151 3.27 7.66 12.54
CA CYS A 151 3.35 7.48 13.98
C CYS A 151 2.86 8.73 14.69
N GLN A 152 3.10 9.88 14.08
CA GLN A 152 2.70 11.14 14.68
C GLN A 152 1.18 11.32 14.60
N CYS A 153 0.52 10.39 13.91
CA CYS A 153 -0.93 10.47 13.73
C CYS A 153 -1.66 9.43 14.56
N LEU A 154 -1.07 8.23 14.64
CA LEU A 154 -1.77 7.09 15.23
C LEU A 154 -1.24 6.68 16.59
N PHE A 155 0.04 6.92 16.84
CA PHE A 155 0.67 6.56 18.10
C PHE A 155 0.60 7.69 19.10
N GLY A 156 0.19 7.36 20.33
CA GLY A 156 0.13 8.35 21.41
C GLY A 156 1.51 8.81 21.83
N GLU A 157 1.55 9.90 22.58
CA GLU A 157 2.82 10.47 23.02
C GLU A 157 3.62 9.48 23.86
N ASP A 158 2.94 8.81 24.78
CA ASP A 158 3.61 7.87 25.68
C ASP A 158 4.19 6.68 24.92
N LEU A 159 3.52 6.25 23.86
CA LEU A 159 4.01 5.16 23.05
C LEU A 159 5.21 5.59 22.22
N ARG A 160 5.11 6.76 21.62
CA ARG A 160 6.19 7.30 20.80
C ARG A 160 7.47 7.51 21.62
N LYS A 161 7.31 7.79 22.91
CA LYS A 161 8.44 7.89 23.81
C LYS A 161 9.14 6.56 23.94
N ARG A 162 8.37 5.49 24.03
CA ARG A 162 8.90 4.14 24.17
C ARG A 162 9.28 3.55 22.82
N LEU A 163 8.55 3.94 21.78
CA LEU A 163 8.74 3.37 20.46
C LEU A 163 8.63 4.55 19.51
N ASN A 164 9.77 5.01 19.00
CA ASN A 164 9.79 6.14 18.09
C ASN A 164 9.74 5.54 16.68
N ALA A 165 9.52 6.41 15.68
CA ALA A 165 9.36 5.98 14.30
C ALA A 165 10.61 5.26 13.76
N ARG A 166 11.75 5.92 13.87
CA ARG A 166 13.01 5.35 13.41
C ARG A 166 13.16 3.91 13.90
N HIS A 167 12.78 3.69 15.15
CA HIS A 167 12.89 2.37 15.77
C HIS A 167 11.81 1.42 15.27
N PHE A 168 10.58 1.94 15.14
CA PHE A 168 9.47 1.12 14.66
C PHE A 168 9.77 0.61 13.25
N ALA A 169 10.30 1.47 12.40
CA ALA A 169 10.61 1.11 11.03
C ALA A 169 11.55 -0.09 10.97
N GLN A 170 12.53 -0.10 11.88
CA GLN A 170 13.50 -1.18 11.96
C GLN A 170 12.81 -2.50 12.27
N LEU A 171 11.81 -2.46 13.15
CA LEU A 171 11.04 -3.65 13.49
C LEU A 171 10.25 -4.17 12.29
N LEU A 172 9.47 -3.29 11.66
CA LEU A 172 8.74 -3.66 10.46
C LEU A 172 9.70 -4.35 9.50
N SER A 173 10.75 -3.63 9.12
CA SER A 173 11.77 -4.16 8.23
C SER A 173 12.20 -5.56 8.65
N LYS A 174 12.51 -5.73 9.93
CA LYS A 174 12.99 -7.01 10.43
C LYS A 174 12.03 -8.16 10.14
N MET A 175 10.74 -7.92 10.33
CA MET A 175 9.75 -8.96 10.11
C MET A 175 9.25 -9.00 8.65
N GLU A 176 9.07 -7.84 8.04
CA GLU A 176 8.60 -7.78 6.67
C GLU A 176 9.61 -8.39 5.70
N SER A 177 10.89 -8.38 6.07
CA SER A 177 11.91 -9.02 5.25
C SER A 177 11.74 -10.53 5.32
N SER A 178 11.27 -11.02 6.47
CA SER A 178 10.99 -12.44 6.63
C SER A 178 10.15 -12.98 5.48
N LEU A 179 9.64 -12.08 4.65
CA LEU A 179 8.67 -12.44 3.62
C LEU A 179 9.31 -12.82 2.29
N ILE A 180 8.93 -13.98 1.77
CA ILE A 180 9.32 -14.37 0.43
C ILE A 180 8.10 -14.35 -0.48
N PRO A 181 8.08 -13.39 -1.41
CA PRO A 181 6.94 -13.20 -2.30
C PRO A 181 6.54 -14.48 -3.00
N ALA A 182 7.53 -15.25 -3.45
CA ALA A 182 7.27 -16.50 -4.17
C ALA A 182 6.36 -17.45 -3.40
N ALA A 183 6.54 -17.51 -2.09
CA ALA A 183 5.76 -18.40 -1.22
C ALA A 183 4.27 -18.34 -1.52
N VAL A 184 3.75 -17.13 -1.70
CA VAL A 184 2.32 -16.92 -1.95
C VAL A 184 1.75 -17.98 -2.91
N PHE A 185 2.52 -18.34 -3.92
CA PHE A 185 2.12 -19.35 -4.88
C PHE A 185 2.63 -20.74 -4.47
N MET A 186 3.76 -20.76 -3.78
CA MET A 186 4.45 -22.01 -3.45
C MET A 186 4.75 -22.13 -1.96
N PRO A 187 3.92 -22.88 -1.23
CA PRO A 187 4.14 -23.15 0.19
C PRO A 187 5.34 -24.07 0.42
N LEU A 192 9.35 -21.84 6.58
CA LEU A 192 10.72 -22.34 6.73
C LEU A 192 11.48 -21.57 7.83
N PRO A 193 12.55 -22.18 8.36
CA PRO A 193 13.32 -21.62 9.46
C PRO A 193 14.57 -20.89 8.97
N LEU A 194 14.39 -19.85 8.18
CA LEU A 194 15.50 -19.00 7.73
C LEU A 194 15.82 -17.90 8.75
N PRO A 195 17.06 -17.40 8.73
CA PRO A 195 17.42 -16.32 9.63
C PRO A 195 16.39 -15.19 9.58
N GLN A 196 15.74 -15.04 8.44
CA GLN A 196 14.71 -14.02 8.25
C GLN A 196 13.50 -14.27 9.15
N SER A 197 13.13 -15.53 9.29
CA SER A 197 12.01 -15.91 10.14
C SER A 197 12.29 -15.53 11.59
N ALA A 198 13.42 -16.01 12.12
CA ALA A 198 13.81 -15.71 13.50
C ALA A 198 13.70 -14.23 13.81
N ARG A 199 14.37 -13.39 13.02
CA ARG A 199 14.32 -11.95 13.20
C ARG A 199 12.89 -11.46 13.29
N CYS A 200 12.01 -12.05 12.50
CA CYS A 200 10.61 -11.61 12.41
C CYS A 200 9.86 -11.82 13.72
N ARG A 201 10.03 -12.99 14.32
CA ARG A 201 9.37 -13.30 15.59
C ARG A 201 9.84 -12.34 16.69
N GLU A 202 11.15 -12.30 16.92
CA GLU A 202 11.74 -11.39 17.89
C GLU A 202 11.18 -9.98 17.74
N ALA A 203 11.20 -9.48 16.51
CA ALA A 203 10.76 -8.11 16.23
C ALA A 203 9.32 -7.89 16.68
N ARG A 204 8.44 -8.82 16.35
CA ARG A 204 7.04 -8.72 16.71
C ARG A 204 6.85 -8.94 18.21
N ALA A 205 7.67 -9.81 18.79
CA ALA A 205 7.65 -10.06 20.21
C ALA A 205 8.09 -8.80 20.96
N GLU A 206 9.25 -8.28 20.57
CA GLU A 206 9.74 -7.02 21.11
C GLU A 206 8.59 -6.02 21.13
N LEU A 207 8.04 -5.76 19.96
CA LEU A 207 6.91 -4.86 19.83
C LEU A 207 5.83 -5.27 20.82
N GLN A 208 5.59 -6.58 20.91
CA GLN A 208 4.63 -7.15 21.86
C GLN A 208 4.92 -6.68 23.29
N LYS A 209 6.07 -7.11 23.82
CA LYS A 209 6.51 -6.70 25.15
C LYS A 209 6.17 -5.24 25.43
N ILE A 210 6.70 -4.35 24.59
CA ILE A 210 6.50 -2.92 24.75
C ILE A 210 5.03 -2.56 24.89
N LEU A 211 4.24 -2.89 23.88
CA LEU A 211 2.82 -2.58 23.91
C LEU A 211 2.19 -3.04 25.22
N GLY A 212 2.75 -4.10 25.80
CA GLY A 212 2.28 -4.61 27.08
C GLY A 212 2.61 -3.67 28.21
N GLU A 213 3.81 -3.09 28.17
CA GLU A 213 4.23 -2.14 29.20
C GLU A 213 3.40 -0.87 29.16
N ILE A 214 3.19 -0.33 27.97
CA ILE A 214 2.39 0.88 27.82
C ILE A 214 0.99 0.71 28.39
N ILE A 215 0.31 -0.35 27.97
CA ILE A 215 -1.04 -0.63 28.43
C ILE A 215 -1.09 -0.68 29.95
N VAL A 216 -0.16 -1.42 30.56
CA VAL A 216 -0.09 -1.49 32.01
C VAL A 216 0.03 -0.08 32.60
N ALA A 217 0.87 0.74 31.98
CA ALA A 217 1.07 2.10 32.45
C ALA A 217 -0.20 2.94 32.28
N ARG A 218 -0.99 2.63 31.26
CA ARG A 218 -2.23 3.36 31.01
C ARG A 218 -3.33 2.98 32.00
N GLU A 219 -3.44 1.68 32.27
CA GLU A 219 -4.50 1.18 33.15
C GLU A 219 -4.26 1.55 34.62
N LYS A 220 -2.99 1.74 34.99
CA LYS A 220 -2.67 2.21 36.33
C LYS A 220 -3.05 3.68 36.44
N GLU A 221 -2.97 4.39 35.32
CA GLU A 221 -3.32 5.80 35.27
C GLU A 221 -4.82 6.01 35.48
N GLU A 222 -5.14 7.09 36.17
CA GLU A 222 -6.52 7.48 36.41
C GLU A 222 -6.59 9.00 36.37
N ALA A 223 -7.69 9.53 35.83
CA ALA A 223 -8.73 8.72 35.23
C ALA A 223 -9.15 9.36 33.92
N SER A 224 -8.47 10.46 33.59
CA SER A 224 -8.75 11.20 32.36
C SER A 224 -7.55 12.03 31.90
N LYS A 225 -7.38 12.13 30.59
CA LYS A 225 -6.29 12.90 29.99
C LYS A 225 -5.35 12.01 29.19
N ASN A 228 -6.32 14.45 24.51
CA ASN A 228 -7.65 14.03 24.95
C ASN A 228 -8.21 12.91 24.06
N THR A 229 -8.07 13.07 22.75
CA THR A 229 -8.53 12.06 21.81
C THR A 229 -7.59 10.87 21.75
N SER A 230 -8.08 9.71 22.18
CA SER A 230 -7.27 8.49 22.24
C SER A 230 -6.64 8.12 20.90
N ASP A 231 -5.48 7.49 20.96
CA ASP A 231 -4.75 7.09 19.75
C ASP A 231 -5.28 5.77 19.21
N LEU A 232 -4.58 5.23 18.20
CA LEU A 232 -4.98 3.97 17.57
C LEU A 232 -5.08 2.79 18.54
N LEU A 233 -4.01 2.56 19.29
CA LEU A 233 -3.98 1.48 20.27
C LEU A 233 -5.17 1.56 21.22
N GLY A 234 -5.32 2.71 21.87
CA GLY A 234 -6.44 2.92 22.79
C GLY A 234 -7.75 2.54 22.13
N GLY A 235 -7.90 2.95 20.87
CA GLY A 235 -9.06 2.57 20.08
C GLY A 235 -9.23 1.07 20.04
N LEU A 236 -8.16 0.36 19.67
CA LEU A 236 -8.19 -1.09 19.60
C LEU A 236 -8.46 -1.73 20.95
N LEU A 237 -7.89 -1.17 22.01
CA LEU A 237 -8.10 -1.69 23.35
C LEU A 237 -9.55 -1.60 23.78
N LYS A 238 -10.18 -0.46 23.52
CA LYS A 238 -11.59 -0.28 23.88
C LYS A 238 -12.44 -1.34 23.18
N ALA A 239 -12.13 -1.55 21.90
CA ALA A 239 -12.96 -2.37 21.03
C ALA A 239 -13.40 -3.68 21.67
N VAL A 240 -14.62 -4.09 21.33
CA VAL A 240 -15.20 -5.32 21.84
C VAL A 240 -15.87 -6.11 20.71
N TYR A 241 -15.70 -7.43 20.75
CA TYR A 241 -16.23 -8.32 19.72
C TYR A 241 -17.75 -8.37 19.69
N ARG A 242 -18.29 -9.10 18.72
CA ARG A 242 -19.73 -9.27 18.58
C ARG A 242 -20.23 -10.19 19.70
N ASP A 243 -19.33 -10.99 20.26
CA ASP A 243 -19.66 -11.90 21.34
C ASP A 243 -19.51 -11.22 22.70
N GLY A 244 -18.74 -10.13 22.74
CA GLY A 244 -18.60 -9.34 23.97
C GLY A 244 -17.29 -9.53 24.70
N THR A 245 -16.20 -9.73 23.96
CA THR A 245 -14.88 -9.91 24.56
C THR A 245 -13.87 -8.97 23.92
N ARG A 246 -12.98 -8.40 24.73
CA ARG A 246 -11.95 -7.48 24.25
C ARG A 246 -10.81 -8.18 23.52
N MET A 247 -10.20 -7.48 22.57
CA MET A 247 -9.09 -8.05 21.80
C MET A 247 -7.96 -8.49 22.70
N SER A 248 -7.37 -9.61 22.36
CA SER A 248 -6.23 -10.12 23.06
C SER A 248 -5.13 -9.23 22.63
N LEU A 249 -4.15 -9.01 23.47
CA LEU A 249 -3.08 -8.16 23.07
C LEU A 249 -2.41 -8.75 21.86
N HIS A 250 -2.23 -10.05 21.85
CA HIS A 250 -1.51 -10.61 20.75
C HIS A 250 -2.21 -10.20 19.49
N GLU A 251 -3.52 -10.23 19.52
CA GLU A 251 -4.34 -9.79 18.38
C GLU A 251 -4.22 -8.29 18.17
N VAL A 252 -4.25 -7.53 19.26
CA VAL A 252 -4.14 -6.08 19.19
C VAL A 252 -2.84 -5.66 18.51
N CYS A 253 -1.74 -6.27 18.94
CA CYS A 253 -0.45 -6.01 18.32
C CYS A 253 -0.53 -6.27 16.82
N GLY A 254 -0.96 -7.48 16.46
CA GLY A 254 -1.10 -7.86 15.07
C GLY A 254 -1.77 -6.77 14.25
N MET A 255 -2.91 -6.29 14.73
CA MET A 255 -3.65 -5.27 14.01
C MET A 255 -2.81 -4.02 13.76
N ILE A 256 -2.08 -3.58 14.78
CA ILE A 256 -1.24 -2.41 14.64
C ILE A 256 -0.14 -2.65 13.62
N VAL A 257 0.52 -3.80 13.72
CA VAL A 257 1.49 -4.19 12.71
C VAL A 257 0.85 -4.09 11.33
N ALA A 258 -0.29 -4.74 11.17
CA ALA A 258 -1.03 -4.72 9.90
C ALA A 258 -1.24 -3.29 9.40
N ALA A 259 -1.86 -2.46 10.23
CA ALA A 259 -2.13 -1.08 9.88
C ALA A 259 -0.87 -0.35 9.45
N MET A 260 0.21 -0.53 10.21
CA MET A 260 1.46 0.16 9.92
C MET A 260 2.17 -0.47 8.73
N PHE A 261 2.24 -1.79 8.74
CA PHE A 261 2.89 -2.51 7.64
C PHE A 261 2.27 -2.14 6.30
N ALA A 262 0.94 -2.23 6.21
CA ALA A 262 0.24 -1.97 4.97
C ALA A 262 0.45 -0.55 4.44
N GLY A 263 0.65 0.40 5.35
CA GLY A 263 0.79 1.79 4.96
C GLY A 263 2.21 2.22 4.63
N GLN A 264 3.20 1.49 5.17
CA GLN A 264 4.59 1.89 5.06
C GLN A 264 5.11 1.99 3.63
N HIS A 265 5.00 0.90 2.88
CA HIS A 265 5.57 0.87 1.52
C HIS A 265 4.65 1.47 0.48
N THR A 266 3.38 1.08 0.51
CA THR A 266 2.41 1.57 -0.46
C THR A 266 2.40 3.10 -0.53
N SER A 267 2.38 3.75 0.64
CA SER A 267 2.37 5.20 0.69
C SER A 267 3.74 5.80 0.36
N THR A 268 4.80 5.16 0.87
CA THR A 268 6.16 5.61 0.59
C THR A 268 6.42 5.66 -0.92
N ILE A 269 5.98 4.61 -1.61
CA ILE A 269 6.16 4.50 -3.04
C ILE A 269 5.30 5.52 -3.77
N THR A 270 4.03 5.57 -3.40
CA THR A 270 3.08 6.50 -4.00
C THR A 270 3.57 7.94 -3.90
N THR A 271 4.06 8.31 -2.72
CA THR A 271 4.62 9.63 -2.51
C THR A 271 5.78 9.85 -3.49
N SER A 272 6.68 8.88 -3.56
CA SER A 272 7.84 8.98 -4.42
C SER A 272 7.47 9.15 -5.88
N TRP A 273 6.79 8.16 -6.45
CA TRP A 273 6.39 8.27 -7.85
C TRP A 273 5.81 9.64 -8.11
N SER A 274 4.87 10.06 -7.26
CA SER A 274 4.22 11.35 -7.40
C SER A 274 5.23 12.49 -7.51
N MET A 275 6.16 12.55 -6.56
CA MET A 275 7.17 13.60 -6.55
C MET A 275 8.07 13.51 -7.77
N LEU A 276 8.39 12.28 -8.16
CA LEU A 276 9.25 12.07 -9.32
C LEU A 276 8.62 12.68 -10.58
N HIS A 277 7.42 12.21 -10.92
CA HIS A 277 6.74 12.73 -12.11
C HIS A 277 6.66 14.23 -12.01
N LEU A 278 6.17 14.69 -10.88
CA LEU A 278 5.85 16.10 -10.69
C LEU A 278 7.07 16.99 -10.81
N MET A 279 8.25 16.46 -10.49
CA MET A 279 9.47 17.26 -10.55
C MET A 279 10.13 17.18 -11.93
N HIS A 280 9.67 16.25 -12.76
CA HIS A 280 10.24 16.08 -14.09
C HIS A 280 9.91 17.27 -14.99
N PRO A 281 10.94 17.79 -15.70
CA PRO A 281 10.80 18.93 -16.60
C PRO A 281 9.71 18.74 -17.65
N LYS A 282 9.50 17.50 -18.11
CA LYS A 282 8.45 17.21 -19.09
C LYS A 282 7.07 17.51 -18.49
N ASN A 283 6.96 17.42 -17.17
CA ASN A 283 5.70 17.58 -16.49
C ASN A 283 5.53 18.96 -15.84
N LYS A 284 6.28 19.93 -16.35
CA LYS A 284 6.19 21.30 -15.87
C LYS A 284 4.73 21.76 -15.88
N LYS A 285 4.00 21.42 -16.94
CA LYS A 285 2.58 21.71 -17.03
C LYS A 285 1.88 21.51 -15.70
N TRP A 286 1.99 20.30 -15.17
CA TRP A 286 1.23 19.92 -14.00
C TRP A 286 1.86 20.41 -12.69
N LEU A 287 3.19 20.43 -12.64
CA LEU A 287 3.86 21.00 -11.48
C LEU A 287 3.32 22.41 -11.23
N ASP A 288 3.32 23.23 -12.28
CA ASP A 288 2.76 24.58 -12.19
C ASP A 288 1.30 24.52 -11.75
N LYS A 289 0.52 23.67 -12.39
CA LYS A 289 -0.88 23.52 -12.04
C LYS A 289 -1.01 23.15 -10.56
N LEU A 290 0.01 22.48 -10.03
CA LEU A 290 0.03 22.12 -8.63
C LEU A 290 0.23 23.35 -7.74
N HIS A 291 1.36 24.03 -7.94
CA HIS A 291 1.62 25.27 -7.20
C HIS A 291 0.42 26.20 -7.28
N LYS A 292 -0.20 26.26 -8.45
CA LYS A 292 -1.43 27.03 -8.65
C LYS A 292 -2.48 26.72 -7.60
N GLU A 293 -2.38 25.54 -7.01
CA GLU A 293 -3.39 25.04 -6.08
C GLU A 293 -2.96 25.15 -4.62
N ILE A 294 -1.66 25.15 -4.37
CA ILE A 294 -1.15 25.15 -3.00
C ILE A 294 -0.46 26.47 -2.61
N ASP A 295 -0.16 27.30 -3.61
CA ASP A 295 0.50 28.57 -3.36
C ASP A 295 -0.43 29.57 -2.69
N GLU A 296 -1.65 29.12 -2.40
CA GLU A 296 -2.65 29.97 -1.74
C GLU A 296 -2.78 29.61 -0.26
N PHE A 297 -2.46 28.35 0.06
CA PHE A 297 -2.63 27.85 1.41
C PHE A 297 -1.72 28.57 2.38
N PRO A 298 -2.15 28.66 3.66
CA PRO A 298 -1.32 29.19 4.73
C PRO A 298 -0.27 28.18 5.16
N ALA A 299 0.68 28.61 5.97
CA ALA A 299 1.69 27.71 6.50
C ALA A 299 0.98 26.52 7.17
N GLN A 300 0.12 26.84 8.13
CA GLN A 300 -0.64 25.82 8.85
C GLN A 300 -1.84 25.34 8.05
N LEU A 301 -1.72 24.18 7.42
CA LEU A 301 -2.83 23.60 6.69
C LEU A 301 -3.80 22.90 7.65
N ASN A 302 -5.07 22.86 7.26
CA ASN A 302 -6.08 22.19 8.05
C ASN A 302 -6.79 21.10 7.24
N TYR A 303 -7.36 20.12 7.93
CA TYR A 303 -8.07 19.02 7.29
C TYR A 303 -8.91 19.47 6.09
N ASP A 304 -9.71 20.52 6.29
CA ASP A 304 -10.61 21.06 5.26
C ASP A 304 -9.94 21.26 3.90
N ASN A 305 -8.90 22.10 3.87
CA ASN A 305 -8.27 22.45 2.60
C ASN A 305 -7.44 21.33 1.96
N VAL A 306 -6.99 20.39 2.77
CA VAL A 306 -6.28 19.23 2.23
C VAL A 306 -7.29 18.25 1.65
N MET A 307 -8.45 18.16 2.29
CA MET A 307 -9.51 17.28 1.82
C MET A 307 -10.25 17.86 0.63
N ASP A 308 -10.76 19.08 0.80
CA ASP A 308 -11.67 19.67 -0.17
C ASP A 308 -11.02 20.66 -1.13
N GLU A 309 -9.79 21.08 -0.84
CA GLU A 309 -9.15 22.12 -1.63
C GLU A 309 -7.93 21.66 -2.44
N MET A 310 -7.75 20.35 -2.57
CA MET A 310 -6.62 19.83 -3.32
C MET A 310 -7.07 18.71 -4.25
N PRO A 311 -7.93 19.05 -5.23
CA PRO A 311 -8.51 18.07 -6.13
C PRO A 311 -7.48 17.62 -7.17
N PHE A 312 -6.68 18.56 -7.67
CA PHE A 312 -5.65 18.22 -8.67
C PHE A 312 -4.51 17.40 -8.07
N ALA A 313 -4.21 17.63 -6.79
CA ALA A 313 -3.19 16.87 -6.10
C ALA A 313 -3.61 15.41 -5.93
N GLU A 314 -4.88 15.18 -5.61
CA GLU A 314 -5.41 13.82 -5.53
C GLU A 314 -5.21 13.10 -6.85
N ARG A 315 -5.50 13.78 -7.95
CA ARG A 315 -5.29 13.20 -9.27
C ARG A 315 -3.83 12.78 -9.46
N CYS A 316 -2.90 13.62 -9.03
CA CYS A 316 -1.48 13.31 -9.12
C CYS A 316 -1.16 11.98 -8.43
N VAL A 317 -1.67 11.83 -7.22
CA VAL A 317 -1.46 10.60 -6.45
C VAL A 317 -2.14 9.40 -7.13
N ARG A 318 -3.40 9.57 -7.53
CA ARG A 318 -4.15 8.52 -8.21
C ARG A 318 -3.45 8.07 -9.49
N GLU A 319 -3.07 9.03 -10.33
CA GLU A 319 -2.41 8.70 -11.58
C GLU A 319 -1.06 8.02 -11.34
N SER A 320 -0.45 8.29 -10.19
CA SER A 320 0.77 7.59 -9.81
C SER A 320 0.45 6.12 -9.54
N ILE A 321 -0.56 5.89 -8.70
CA ILE A 321 -0.97 4.53 -8.37
C ILE A 321 -1.51 3.84 -9.59
N ARG A 322 -2.11 4.62 -10.49
CA ARG A 322 -2.64 4.07 -11.72
C ARG A 322 -1.52 3.52 -12.60
N ARG A 323 -0.53 4.36 -12.88
CA ARG A 323 0.56 4.02 -13.80
C ARG A 323 1.53 3.01 -13.21
N ASP A 324 1.75 3.10 -11.90
CA ASP A 324 2.68 2.21 -11.21
C ASP A 324 2.08 1.75 -9.88
N PRO A 325 1.08 0.86 -9.94
CA PRO A 325 0.43 0.35 -8.74
C PRO A 325 1.42 -0.35 -7.81
N PRO A 326 1.51 0.10 -6.56
CA PRO A 326 2.34 -0.50 -5.53
C PRO A 326 2.11 -2.00 -5.42
N LEU A 327 0.85 -2.42 -5.34
CA LEU A 327 0.52 -3.83 -5.33
C LEU A 327 0.09 -4.29 -6.71
N LEU A 328 0.96 -5.03 -7.39
CA LEU A 328 0.75 -5.34 -8.79
C LEU A 328 -0.32 -6.41 -9.01
N MET A 329 -0.76 -7.06 -7.95
CA MET A 329 -1.88 -7.99 -8.04
C MET A 329 -2.36 -8.52 -6.70
N VAL A 330 -3.60 -9.01 -6.69
CA VAL A 330 -4.21 -9.57 -5.52
C VAL A 330 -4.87 -10.88 -5.92
N MET A 331 -4.92 -11.83 -4.99
CA MET A 331 -5.39 -13.16 -5.34
C MET A 331 -6.36 -13.73 -4.33
N ARG A 332 -7.02 -14.82 -4.72
CA ARG A 332 -7.88 -15.58 -3.83
C ARG A 332 -7.98 -17.02 -4.30
N MET A 333 -8.20 -17.92 -3.36
CA MET A 333 -8.35 -19.33 -3.66
C MET A 333 -9.79 -19.55 -4.09
N VAL A 334 -9.96 -20.26 -5.21
CA VAL A 334 -11.30 -20.52 -5.74
C VAL A 334 -11.92 -21.73 -5.03
N LYS A 335 -12.72 -21.46 -4.02
CA LYS A 335 -13.37 -22.52 -3.25
C LYS A 335 -14.44 -23.21 -4.08
N ALA A 336 -15.07 -22.45 -4.97
CA ALA A 336 -16.08 -23.00 -5.86
C ALA A 336 -15.95 -22.39 -7.25
N GLU A 337 -16.27 -23.18 -8.27
CA GLU A 337 -16.20 -22.74 -9.65
C GLU A 337 -16.96 -21.43 -9.84
N VAL A 338 -16.28 -20.42 -10.39
CA VAL A 338 -16.88 -19.11 -10.59
C VAL A 338 -16.90 -18.71 -12.06
N LYS A 339 -18.04 -18.16 -12.50
CA LYS A 339 -18.16 -17.64 -13.86
C LYS A 339 -17.26 -16.44 -14.06
N VAL A 340 -16.69 -16.33 -15.25
CA VAL A 340 -15.86 -15.17 -15.60
C VAL A 340 -15.96 -15.09 -17.11
N GLY A 341 -16.44 -13.96 -17.61
CA GLY A 341 -16.70 -13.78 -19.03
C GLY A 341 -17.36 -14.99 -19.67
N SER A 342 -16.74 -15.50 -20.73
CA SER A 342 -17.24 -16.70 -21.38
C SER A 342 -16.53 -17.93 -20.82
N TYR A 343 -15.66 -17.72 -19.85
CA TYR A 343 -14.86 -18.80 -19.28
C TYR A 343 -15.37 -19.22 -17.91
N VAL A 344 -14.75 -20.28 -17.38
CA VAL A 344 -15.08 -20.76 -16.05
C VAL A 344 -13.83 -21.14 -15.28
N VAL A 345 -13.68 -20.57 -14.09
CA VAL A 345 -12.53 -20.86 -13.24
C VAL A 345 -12.83 -22.02 -12.32
N PRO A 346 -12.08 -23.12 -12.49
CA PRO A 346 -12.29 -24.34 -11.73
C PRO A 346 -11.90 -24.20 -10.26
N LYS A 347 -12.52 -25.01 -9.40
CA LYS A 347 -12.19 -25.03 -7.99
C LYS A 347 -10.77 -25.51 -7.79
N GLY A 348 -10.01 -24.80 -6.97
CA GLY A 348 -8.61 -25.16 -6.71
C GLY A 348 -7.65 -24.14 -7.28
N ASP A 349 -8.10 -23.37 -8.27
CA ASP A 349 -7.27 -22.34 -8.88
C ASP A 349 -7.01 -21.15 -7.96
N ILE A 350 -5.88 -20.48 -8.19
CA ILE A 350 -5.63 -19.21 -7.53
C ILE A 350 -6.07 -18.09 -8.46
N ILE A 351 -7.30 -17.63 -8.29
CA ILE A 351 -7.79 -16.53 -9.09
C ILE A 351 -7.14 -15.23 -8.62
N ALA A 352 -6.70 -14.41 -9.57
CA ALA A 352 -5.98 -13.19 -9.25
C ALA A 352 -6.35 -12.05 -10.20
N CYS A 353 -6.32 -10.82 -9.68
CA CYS A 353 -6.58 -9.63 -10.50
C CYS A 353 -5.42 -8.66 -10.36
N SER A 354 -4.92 -8.17 -11.48
CA SER A 354 -3.71 -7.34 -11.48
C SER A 354 -3.99 -5.88 -11.81
N PRO A 355 -3.85 -5.00 -10.81
CA PRO A 355 -3.96 -3.57 -11.07
C PRO A 355 -2.92 -3.16 -12.09
N LEU A 356 -1.71 -3.70 -11.97
CA LEU A 356 -0.65 -3.40 -12.91
C LEU A 356 -1.13 -3.64 -14.34
N LEU A 357 -1.70 -4.82 -14.57
CA LEU A 357 -2.18 -5.20 -15.88
C LEU A 357 -3.37 -4.34 -16.30
N SER A 358 -4.39 -4.30 -15.46
CA SER A 358 -5.61 -3.60 -15.80
C SER A 358 -5.32 -2.13 -16.07
N HIS A 359 -4.44 -1.55 -15.26
CA HIS A 359 -4.09 -0.14 -15.39
C HIS A 359 -3.31 0.14 -16.69
N HIS A 360 -3.12 -0.90 -17.50
CA HIS A 360 -2.39 -0.74 -18.75
C HIS A 360 -3.16 -1.28 -19.94
N ASP A 361 -4.44 -1.57 -19.71
CA ASP A 361 -5.34 -1.96 -20.79
C ASP A 361 -5.61 -0.75 -21.68
N GLU A 362 -5.39 -0.92 -22.98
CA GLU A 362 -5.46 0.18 -23.93
C GLU A 362 -6.79 0.92 -23.92
N GLU A 363 -7.89 0.18 -23.76
CA GLU A 363 -9.22 0.78 -23.81
C GLU A 363 -9.51 1.61 -22.56
N ALA A 364 -9.28 1.01 -21.40
CA ALA A 364 -9.58 1.69 -20.14
C ALA A 364 -8.67 2.89 -19.93
N PHE A 365 -7.41 2.76 -20.34
CA PHE A 365 -6.44 3.83 -20.16
C PHE A 365 -5.56 4.00 -21.40
N PRO A 366 -6.10 4.62 -22.45
CA PRO A 366 -5.32 4.83 -23.66
C PRO A 366 -3.95 5.40 -23.31
N ASN A 367 -2.91 4.89 -23.98
CA ASN A 367 -1.56 5.37 -23.72
C ASN A 367 -1.17 5.15 -22.26
N PRO A 368 -1.22 3.89 -21.81
CA PRO A 368 -1.06 3.54 -20.40
C PRO A 368 0.20 4.09 -19.74
N ARG A 369 1.30 4.15 -20.48
CA ARG A 369 2.57 4.52 -19.89
C ARG A 369 2.70 6.02 -19.66
N LEU A 370 1.78 6.78 -20.24
CA LEU A 370 1.77 8.22 -20.11
C LEU A 370 1.17 8.65 -18.77
N TRP A 371 1.95 9.42 -18.01
CA TRP A 371 1.47 9.95 -16.74
C TRP A 371 0.59 11.16 -17.01
N ASP A 372 -0.72 10.95 -16.93
CA ASP A 372 -1.68 12.03 -17.16
C ASP A 372 -2.67 12.15 -16.00
N PRO A 373 -2.49 13.17 -15.15
CA PRO A 373 -3.31 13.34 -13.96
C PRO A 373 -4.76 13.69 -14.29
N GLU A 374 -4.99 14.23 -15.48
CA GLU A 374 -6.33 14.64 -15.88
C GLU A 374 -7.08 13.54 -16.63
N ARG A 375 -6.44 12.39 -16.84
CA ARG A 375 -7.12 11.28 -17.50
C ARG A 375 -8.20 10.71 -16.59
N ASP A 376 -9.12 9.94 -17.18
CA ASP A 376 -10.13 9.23 -16.42
C ASP A 376 -10.32 7.85 -17.03
N GLU A 377 -10.69 6.87 -16.20
CA GLU A 377 -10.89 5.52 -16.68
C GLU A 377 -11.95 5.52 -17.78
N LYS A 378 -11.61 4.93 -18.93
CA LYS A 378 -12.56 4.83 -20.04
C LYS A 378 -13.38 3.56 -19.94
N VAL A 379 -13.17 2.82 -18.85
CA VAL A 379 -13.99 1.68 -18.51
C VAL A 379 -14.23 1.72 -17.01
N ASP A 380 -15.49 1.89 -16.62
CA ASP A 380 -15.85 1.97 -15.20
C ASP A 380 -15.35 0.75 -14.45
N GLY A 381 -14.69 0.99 -13.33
CA GLY A 381 -14.16 -0.08 -12.51
C GLY A 381 -12.74 -0.46 -12.88
N ALA A 382 -12.23 0.11 -13.97
CA ALA A 382 -10.89 -0.23 -14.46
C ALA A 382 -9.82 0.04 -13.41
N PHE A 383 -9.86 1.21 -12.79
CA PHE A 383 -8.91 1.52 -11.73
C PHE A 383 -9.19 0.67 -10.50
N ILE A 384 -8.21 -0.11 -10.07
CA ILE A 384 -8.35 -0.93 -8.88
C ILE A 384 -7.09 -0.86 -8.02
N GLY A 385 -6.45 0.30 -8.02
CA GLY A 385 -5.26 0.50 -7.20
C GLY A 385 -5.49 0.15 -5.74
N PHE A 386 -6.68 0.46 -5.24
CA PHE A 386 -7.03 0.17 -3.86
C PHE A 386 -7.98 -1.03 -3.79
N GLY A 387 -7.92 -1.88 -4.81
CA GLY A 387 -8.83 -3.01 -4.88
C GLY A 387 -10.26 -2.52 -4.93
N ALA A 388 -11.20 -3.41 -4.63
CA ALA A 388 -12.62 -3.10 -4.77
C ALA A 388 -13.50 -4.14 -4.08
N GLY A 389 -14.81 -3.94 -4.15
CA GLY A 389 -15.76 -4.87 -3.56
C GLY A 389 -15.78 -4.87 -2.05
N VAL A 390 -15.82 -6.06 -1.46
CA VAL A 390 -15.81 -6.20 -0.01
C VAL A 390 -14.41 -5.98 0.58
N HIS A 391 -13.36 -6.22 -0.21
CA HIS A 391 -12.00 -6.08 0.29
C HIS A 391 -11.32 -4.79 -0.17
N LYS A 392 -12.10 -3.79 -0.51
CA LYS A 392 -11.55 -2.50 -0.93
C LYS A 392 -10.70 -1.89 0.18
N CYS A 393 -9.52 -1.40 -0.17
CA CYS A 393 -8.59 -0.84 0.80
C CYS A 393 -9.30 0.04 1.80
N ILE A 394 -8.84 -0.01 3.04
CA ILE A 394 -9.44 0.74 4.14
C ILE A 394 -8.61 1.98 4.47
N GLY A 395 -7.33 1.94 4.11
CA GLY A 395 -6.43 3.04 4.41
C GLY A 395 -6.37 4.05 3.28
N GLN A 396 -7.31 3.94 2.33
CA GLN A 396 -7.30 4.82 1.18
C GLN A 396 -7.36 6.29 1.58
N LYS A 397 -8.42 6.67 2.27
CA LYS A 397 -8.62 8.07 2.65
C LYS A 397 -7.41 8.57 3.41
N PHE A 398 -6.90 7.75 4.31
CA PHE A 398 -5.72 8.10 5.08
C PHE A 398 -4.50 8.25 4.18
N ALA A 399 -4.17 7.21 3.42
CA ALA A 399 -3.01 7.26 2.53
C ALA A 399 -3.02 8.53 1.70
N LEU A 400 -4.14 8.79 1.03
CA LEU A 400 -4.28 9.98 0.20
C LEU A 400 -4.03 11.26 1.00
N LEU A 401 -4.70 11.40 2.14
CA LEU A 401 -4.46 12.54 3.01
C LEU A 401 -2.98 12.64 3.33
N GLN A 402 -2.39 11.50 3.70
CA GLN A 402 -1.00 11.45 4.12
C GLN A 402 -0.09 11.90 2.99
N VAL A 403 -0.33 11.40 1.79
CA VAL A 403 0.53 11.73 0.66
C VAL A 403 0.32 13.18 0.22
N LYS A 404 -0.94 13.53 -0.03
CA LYS A 404 -1.29 14.88 -0.45
C LYS A 404 -0.63 15.94 0.43
N THR A 405 -0.74 15.77 1.75
CA THR A 405 -0.18 16.75 2.68
C THR A 405 1.33 16.83 2.53
N ILE A 406 1.98 15.69 2.33
CA ILE A 406 3.42 15.67 2.15
C ILE A 406 3.81 16.46 0.90
N LEU A 407 3.12 16.20 -0.21
CA LEU A 407 3.38 16.94 -1.44
C LEU A 407 3.26 18.43 -1.21
N ALA A 408 2.21 18.84 -0.50
CA ALA A 408 1.95 20.25 -0.24
C ALA A 408 3.07 20.89 0.56
N THR A 409 3.57 20.16 1.55
CA THR A 409 4.60 20.70 2.43
C THR A 409 5.98 20.67 1.75
N ALA A 410 6.21 19.67 0.90
CA ALA A 410 7.49 19.52 0.22
C ALA A 410 7.70 20.54 -0.89
N PHE A 411 6.73 20.63 -1.80
CA PHE A 411 6.84 21.52 -2.95
C PHE A 411 6.60 22.98 -2.60
N ARG A 412 6.15 23.24 -1.37
CA ARG A 412 5.91 24.61 -0.95
C ARG A 412 7.20 25.29 -0.51
N GLU A 413 8.10 24.51 0.08
CA GLU A 413 9.30 25.07 0.67
C GLU A 413 10.57 24.64 -0.07
N TYR A 414 10.46 23.60 -0.88
CA TYR A 414 11.59 23.12 -1.67
C TYR A 414 11.23 22.96 -3.13
N ASP A 415 12.24 23.11 -3.99
CA ASP A 415 12.11 22.72 -5.40
C ASP A 415 12.99 21.51 -5.65
N PHE A 416 12.56 20.64 -6.56
CA PHE A 416 13.28 19.39 -6.78
C PHE A 416 13.74 19.24 -8.21
N GLN A 417 14.67 18.30 -8.42
CA GLN A 417 15.27 18.10 -9.72
C GLN A 417 15.76 16.67 -9.82
N LEU A 418 15.24 15.94 -10.81
CA LEU A 418 15.61 14.55 -10.99
C LEU A 418 16.93 14.46 -11.73
N LEU A 419 17.93 13.85 -11.09
CA LEU A 419 19.28 13.77 -11.65
C LEU A 419 19.34 12.97 -12.95
N ARG A 420 18.68 11.81 -12.95
CA ARG A 420 18.62 10.94 -14.13
C ARG A 420 17.78 11.54 -15.27
N ASP A 421 18.12 11.20 -16.50
CA ASP A 421 17.41 11.75 -17.67
C ASP A 421 15.91 11.52 -17.53
N GLU A 422 15.52 10.24 -17.55
CA GLU A 422 14.11 9.89 -17.53
C GLU A 422 13.64 9.51 -16.13
N VAL A 423 12.35 9.18 -16.00
CA VAL A 423 11.80 8.76 -14.71
C VAL A 423 12.20 7.33 -14.40
N PRO A 424 12.53 7.05 -13.13
CA PRO A 424 12.98 5.74 -12.67
C PRO A 424 12.15 4.60 -13.23
N ASP A 425 12.81 3.48 -13.50
CA ASP A 425 12.14 2.28 -13.91
C ASP A 425 11.61 1.56 -12.67
N PRO A 426 10.40 1.00 -12.77
CA PRO A 426 9.87 0.19 -11.68
C PRO A 426 10.80 -0.97 -11.36
N ASP A 427 10.97 -1.27 -10.09
CA ASP A 427 11.75 -2.43 -9.66
C ASP A 427 10.80 -3.54 -9.24
N TYR A 428 10.75 -4.61 -10.04
CA TYR A 428 9.72 -5.63 -9.87
C TYR A 428 10.12 -6.79 -8.96
N HIS A 429 11.26 -6.66 -8.28
CA HIS A 429 11.75 -7.76 -7.45
C HIS A 429 11.13 -7.81 -6.05
N THR A 430 10.78 -6.65 -5.51
CA THR A 430 10.12 -6.60 -4.21
C THR A 430 8.65 -6.95 -4.37
N MET A 431 8.03 -7.49 -3.33
CA MET A 431 6.63 -7.89 -3.42
C MET A 431 5.70 -6.67 -3.45
N VAL A 432 6.08 -5.61 -2.76
CA VAL A 432 5.44 -4.31 -2.92
C VAL A 432 6.30 -3.48 -3.86
N VAL A 433 5.73 -3.06 -4.98
CA VAL A 433 6.53 -2.52 -6.07
C VAL A 433 6.57 -1.00 -6.15
N GLY A 434 7.80 -0.46 -6.20
CA GLY A 434 8.02 0.96 -6.41
C GLY A 434 9.23 1.17 -7.30
N PRO A 435 9.68 2.43 -7.42
CA PRO A 435 10.83 2.78 -8.25
C PRO A 435 12.12 2.12 -7.75
N THR A 436 13.12 2.01 -8.61
CA THR A 436 14.34 1.27 -8.26
C THR A 436 15.14 1.79 -7.06
N LEU A 437 15.31 3.11 -6.98
CA LEU A 437 16.02 3.73 -5.86
C LEU A 437 17.54 3.78 -6.05
N ASN A 438 18.02 3.31 -7.19
CA ASN A 438 19.42 3.43 -7.56
C ASN A 438 19.34 4.53 -8.59
N GLN A 439 18.10 4.97 -8.77
CA GLN A 439 17.65 5.93 -9.74
C GLN A 439 17.02 7.12 -9.10
N CYS A 440 16.72 7.04 -7.83
CA CYS A 440 15.89 8.06 -7.19
C CYS A 440 16.67 9.28 -6.71
N LEU A 441 17.99 9.28 -6.90
CA LEU A 441 18.81 10.41 -6.49
C LEU A 441 18.22 11.72 -7.00
N VAL A 442 17.98 12.65 -6.10
CA VAL A 442 17.35 13.92 -6.42
C VAL A 442 18.06 15.09 -5.76
N LYS A 443 18.08 16.23 -6.44
CA LYS A 443 18.70 17.43 -5.91
C LYS A 443 17.64 18.45 -5.47
N TYR A 444 17.66 18.82 -4.19
CA TYR A 444 16.68 19.76 -3.67
C TYR A 444 17.23 21.17 -3.56
N THR A 445 16.37 22.16 -3.73
CA THR A 445 16.75 23.55 -3.59
C THR A 445 15.73 24.32 -2.74
N ARG A 446 16.19 24.77 -1.57
CA ARG A 446 15.38 25.54 -0.62
C ARG A 446 15.04 26.90 -1.21
N LYS A 447 13.91 27.47 -0.82
CA LYS A 447 13.46 28.69 -1.46
C LYS A 447 13.65 30.00 -0.70
N LYS A 448 13.49 31.09 -1.43
CA LYS A 448 13.60 32.43 -0.89
C LYS A 448 14.68 33.14 -1.67
CHA HEM B . -6.80 -3.78 1.12
CHB HEM B . -4.10 -1.18 -1.67
CHC HEM B . -3.18 1.58 1.95
CHD HEM B . -5.12 -1.47 4.85
C1A HEM B . -6.12 -3.25 0.11
C2A HEM B . -6.15 -3.84 -1.18
C3A HEM B . -5.41 -3.11 -1.93
C4A HEM B . -4.89 -2.07 -1.13
CMA HEM B . -5.08 -3.27 -3.40
CAA HEM B . -6.94 -5.09 -1.58
CBA HEM B . -6.21 -6.34 -1.12
CGA HEM B . -6.81 -7.49 -1.81
O1A HEM B . -7.77 -7.24 -2.55
O2A HEM B . -6.38 -8.66 -1.65
C1B HEM B . -3.67 -0.23 -0.87
C2B HEM B . -2.89 0.84 -1.36
C3B HEM B . -2.64 1.60 -0.35
C4B HEM B . -3.27 1.02 0.77
CMB HEM B . -2.41 1.11 -2.76
CAB HEM B . -1.83 2.87 -0.40
CBB HEM B . -1.59 3.37 -1.61
C1C HEM B . -3.63 0.94 3.00
C2C HEM B . -3.44 1.43 4.31
C3C HEM B . -3.98 0.58 5.10
C4C HEM B . -4.50 -0.46 4.29
CMC HEM B . -2.75 2.72 4.71
CAC HEM B . -4.06 0.65 6.62
CBC HEM B . -4.56 1.73 7.22
C1D HEM B . -5.83 -2.26 4.07
C2D HEM B . -6.87 -3.03 4.60
C3D HEM B . -7.40 -3.77 3.44
C4D HEM B . -6.60 -3.33 2.36
CMD HEM B . -7.32 -3.07 6.04
CAD HEM B . -8.57 -4.75 3.43
CBD HEM B . -8.09 -6.12 3.04
CGD HEM B . -9.30 -6.95 3.21
O1D HEM B . -10.35 -6.36 3.49
O2D HEM B . -9.25 -8.17 3.05
NA HEM B . -5.32 -2.13 0.16
NB HEM B . -3.93 -0.14 0.47
NC HEM B . -4.28 -0.25 2.95
ND HEM B . -5.65 -2.41 2.71
FE HEM B . -4.83 -1.13 1.54
CAA POZ C . 11.91 -14.68 -10.12
CAB POZ C . 14.21 -12.51 -7.44
OAC POZ C . 9.59 -14.57 -6.80
OAD POZ C . 13.08 -12.77 -9.53
FAE POZ C . -5.24 -5.94 6.81
FAF POZ C . -1.32 -6.44 4.37
CAG POZ C . -3.25 -6.19 5.65
CAH POZ C . 0.12 -8.84 -2.36
CAI POZ C . 0.55 -10.78 -1.08
CAJ POZ C . 0.85 -9.35 -3.42
CAK POZ C . 1.30 -11.29 -2.15
CAL POZ C . 6.50 -10.64 -6.30
CAM POZ C . 6.07 -13.00 -6.38
CAN POZ C . 7.79 -10.87 -6.74
CAO POZ C . 7.36 -13.22 -6.82
CAP POZ C . -2.63 -6.35 4.45
CAQ POZ C . -2.05 -2.09 2.42
CAR POZ C . -5.34 -6.18 4.49
CAS POZ C . -3.25 -3.64 1.67
CAT POZ C . 10.27 -11.42 -7.90
CAU POZ C . 11.93 -15.26 -8.73
CAV POZ C . -2.72 -7.77 0.08
CAW POZ C . 2.93 -12.20 -4.17
CAX POZ C . 2.86 -9.89 -5.03
CAY POZ C . 3.60 -12.61 -5.46
CAZ POZ C . 3.68 -10.39 -6.22
CBA POZ C . -3.45 -6.73 0.85
CBB POZ C . -1.48 -9.70 0.66
CBC POZ C . -1.58 -5.46 1.92
NBD POZ C . -3.22 -2.35 1.91
NBE POZ C . -1.37 -3.21 2.44
NBF POZ C . 11.43 -12.05 -8.10
OBG POZ C . -0.76 -8.93 -0.23
OBH POZ C . -1.83 -7.78 2.13
CBI POZ C . -4.61 -6.10 5.66
CBJ POZ C . -4.70 -6.33 3.29
CBK POZ C . -0.04 -9.54 -1.19
CBL POZ C . 1.46 -10.57 -3.33
CBM POZ C . 5.65 -11.71 -6.14
CBN POZ C . 8.20 -12.15 -7.00
CBO POZ C . -3.33 -6.42 3.29
CBP POZ C . 10.09 -13.42 -7.27
CBQ POZ C . 13.56 -13.48 -8.41
CBR POZ C . -2.46 -8.76 1.35
CBS POZ C . 12.38 -14.19 -7.79
NBT POZ C . 2.12 -11.00 -4.41
NBU POZ C . 4.46 -11.46 -5.67
NBV POZ C . -2.08 -4.10 2.02
NBW POZ C . 9.43 -12.31 -7.42
NBX POZ C . 11.31 -13.21 -7.71
CBY POZ C . -2.56 -6.59 2.05
#